data_5WY4
#
_entry.id   5WY4
#
_cell.length_a   81.888
_cell.length_b   70.458
_cell.length_c   93.728
_cell.angle_alpha   90.000
_cell.angle_beta   90.000
_cell.angle_gamma   90.000
#
_symmetry.space_group_name_H-M   'P 21 21 21'
#
loop_
_entity.id
_entity.type
_entity.pdbx_description
1 polymer 'Putative uncharacterized protein'
2 water water
#
_entity_poly.entity_id   1
_entity_poly.type   'polypeptide(L)'
_entity_poly.pdbx_seq_one_letter_code
;MASSLAQQLAQIAANSRSSFNVKALKASHSKSLIWEPRVAVSQTFAEIYSQCYEGFKELCHLDSRFVPFDATLFSAQSQE
VDRTQMTAEENAALDKRVDSFLHLVGSRLRLMPAIKAVEWLIRRFRIHEFNTGTLLATFLPYHTIPAFVTLLSILPVQRI
PIEYRFLDPYIKSLTPPPRAAIVQQATNRPDLLSAISRYTLDSCRAKQEYPGLISFWGGIMAEAVNGMIDKMRSGRRAIQ
LENDHLLLQQIGPVLSEAMVMKDVPGIQIASYMVVAILAAKGSLNDNILTAFMEQLVHGWTVDTLRPGLVCLTMLAQHRS
AKQLSGRVAKAVIKVPDLVSSLRDISKEHQVDKLANGLVLAFVDRLAKKGDIRTLPVINSLLLSELLQEKQAKVAYKALL
LAAHKIDDNVDADGNIRKQVGSALVRLSQAEGDVGDAIRTAIQEVDFNIEELELKLGAAIRPKLAIEEAPE
;
_entity_poly.pdbx_strand_id   A
#
# COMPACT_ATOMS: atom_id res chain seq x y z
N LYS A 31 13.76 6.12 -23.46
CA LYS A 31 12.68 5.41 -24.14
C LYS A 31 12.75 3.85 -24.17
N SER A 32 13.50 3.19 -23.28
CA SER A 32 13.35 1.74 -23.15
C SER A 32 13.81 1.31 -21.76
N LEU A 33 13.14 0.27 -21.23
CA LEU A 33 13.51 -0.34 -19.96
C LEU A 33 14.63 -1.36 -20.12
N ILE A 34 14.82 -1.87 -21.31
CA ILE A 34 15.75 -2.96 -21.55
C ILE A 34 16.96 -2.49 -22.34
N TRP A 35 16.73 -1.78 -23.44
CA TRP A 35 17.75 -1.50 -24.44
C TRP A 35 18.27 -0.06 -24.33
N GLU A 36 19.60 0.09 -24.48
CA GLU A 36 20.24 1.38 -24.61
C GLU A 36 19.68 2.14 -25.81
N PRO A 37 19.67 3.48 -25.75
CA PRO A 37 19.06 4.28 -26.83
C PRO A 37 19.53 3.95 -28.24
N ARG A 38 20.82 3.65 -28.43
CA ARG A 38 21.32 3.28 -29.75
C ARG A 38 20.60 2.05 -30.30
N VAL A 39 20.38 1.04 -29.45
CA VAL A 39 19.66 -0.15 -29.90
C VAL A 39 18.19 0.18 -30.14
N ALA A 40 17.57 0.90 -29.20
CA ALA A 40 16.11 1.08 -29.22
C ALA A 40 15.63 1.87 -30.43
N VAL A 41 16.37 2.90 -30.85
CA VAL A 41 15.92 3.74 -31.96
C VAL A 41 15.77 2.96 -33.26
N SER A 42 16.46 1.84 -33.39
CA SER A 42 16.42 1.11 -34.65
C SER A 42 15.45 -0.06 -34.62
N GLN A 43 14.81 -0.33 -33.48
CA GLN A 43 13.88 -1.44 -33.41
C GLN A 43 12.56 -1.06 -34.05
N THR A 44 12.02 -1.97 -34.85
CA THR A 44 10.65 -1.81 -35.32
C THR A 44 9.68 -2.28 -34.24
N PHE A 45 8.47 -1.73 -34.26
CA PHE A 45 7.43 -2.21 -33.37
C PHE A 45 7.21 -3.70 -33.56
N ALA A 46 7.43 -4.21 -34.78
CA ALA A 46 7.27 -5.64 -34.99
C ALA A 46 8.26 -6.42 -34.14
N GLU A 47 9.49 -5.94 -34.07
CA GLU A 47 10.52 -6.65 -33.30
C GLU A 47 10.30 -6.48 -31.81
N ILE A 48 9.92 -5.28 -31.36
CA ILE A 48 9.60 -5.04 -29.96
C ILE A 48 8.45 -5.95 -29.54
N TYR A 49 7.37 -5.92 -30.31
CA TYR A 49 6.17 -6.68 -29.96
C TYR A 49 6.47 -8.16 -29.83
N SER A 50 7.28 -8.70 -30.74
CA SER A 50 7.51 -10.13 -30.76
C SER A 50 8.29 -10.55 -29.50
N GLN A 51 9.18 -9.69 -29.01
CA GLN A 51 9.93 -10.01 -27.82
C GLN A 51 9.09 -9.82 -26.57
N CYS A 52 8.41 -8.67 -26.46
CA CYS A 52 7.57 -8.41 -25.28
C CYS A 52 6.39 -9.36 -25.20
N TYR A 53 5.85 -9.75 -26.36
CA TYR A 53 4.71 -10.66 -26.33
C TYR A 53 5.11 -12.02 -25.78
N GLU A 54 6.33 -12.49 -26.03
CA GLU A 54 6.72 -13.74 -25.38
C GLU A 54 6.67 -13.58 -23.87
N GLY A 55 7.12 -12.43 -23.35
CA GLY A 55 7.03 -12.16 -21.93
C GLY A 55 5.60 -12.21 -21.41
N PHE A 56 4.70 -11.50 -22.10
CA PHE A 56 3.30 -11.50 -21.68
C PHE A 56 2.71 -12.90 -21.71
N LYS A 57 3.05 -13.69 -22.74
CA LYS A 57 2.53 -15.06 -22.82
C LYS A 57 3.06 -15.91 -21.67
N GLU A 58 4.27 -15.64 -21.20
CA GLU A 58 4.75 -16.34 -20.01
C GLU A 58 3.97 -15.93 -18.76
N LEU A 59 3.61 -14.65 -18.64
CA LEU A 59 2.76 -14.22 -17.53
C LEU A 59 1.40 -14.91 -17.56
N CYS A 60 0.83 -15.07 -18.76
CA CYS A 60 -0.47 -15.74 -18.89
C CYS A 60 -0.40 -17.19 -18.39
N HIS A 61 0.72 -17.88 -18.63
CA HIS A 61 0.82 -19.25 -18.15
C HIS A 61 1.01 -19.33 -16.64
N LEU A 62 1.54 -18.27 -16.01
CA LEU A 62 1.69 -18.22 -14.56
C LEU A 62 0.42 -17.82 -13.83
N ASP A 63 -0.53 -17.19 -14.52
CA ASP A 63 -1.63 -16.45 -13.90
C ASP A 63 -2.61 -16.10 -15.01
N SER A 64 -3.79 -16.72 -15.01
CA SER A 64 -4.76 -16.49 -16.08
C SER A 64 -5.41 -15.13 -16.00
N ARG A 65 -5.22 -14.40 -14.90
CA ARG A 65 -5.74 -13.05 -14.82
C ARG A 65 -5.10 -12.13 -15.84
N PHE A 66 -3.92 -12.49 -16.37
CA PHE A 66 -3.28 -11.74 -17.45
C PHE A 66 -4.00 -11.91 -18.79
N VAL A 67 -4.82 -12.97 -18.94
CA VAL A 67 -5.35 -13.29 -20.28
C VAL A 67 -6.24 -12.20 -20.85
N PRO A 68 -7.09 -11.50 -20.10
CA PRO A 68 -7.95 -10.50 -20.76
C PRO A 68 -7.18 -9.40 -21.48
N PHE A 69 -5.97 -9.06 -21.05
CA PHE A 69 -5.21 -8.03 -21.74
C PHE A 69 -4.68 -8.50 -23.09
N ASP A 70 -4.74 -9.81 -23.36
CA ASP A 70 -4.44 -10.32 -24.70
C ASP A 70 -5.29 -9.66 -25.78
N ALA A 71 -6.53 -9.25 -25.45
CA ALA A 71 -7.39 -8.60 -26.45
C ALA A 71 -7.15 -7.10 -26.53
N THR A 72 -6.38 -6.57 -25.60
CA THR A 72 -6.35 -5.16 -25.30
C THR A 72 -4.93 -4.67 -25.51
N LEU A 73 -4.11 -4.58 -24.47
CA LEU A 73 -2.82 -3.92 -24.54
C LEU A 73 -1.82 -4.75 -25.33
N PHE A 74 -2.01 -6.05 -25.35
CA PHE A 74 -1.10 -7.00 -25.94
C PHE A 74 -1.67 -7.70 -27.18
N SER A 75 -2.76 -7.17 -27.76
CA SER A 75 -3.27 -7.71 -29.00
C SER A 75 -2.34 -7.33 -30.16
N ALA A 76 -2.45 -8.08 -31.26
CA ALA A 76 -1.57 -7.81 -32.40
C ALA A 76 -1.79 -6.42 -32.95
N GLN A 77 -3.05 -5.97 -33.00
CA GLN A 77 -3.38 -4.64 -33.51
C GLN A 77 -2.78 -3.52 -32.69
N SER A 78 -2.45 -3.74 -31.41
CA SER A 78 -1.82 -2.67 -30.64
C SER A 78 -0.51 -2.19 -31.24
N GLN A 79 0.16 -3.02 -32.06
CA GLN A 79 1.37 -2.54 -32.75
C GLN A 79 1.14 -1.23 -33.48
N GLU A 80 -0.05 -1.01 -34.02
CA GLU A 80 -0.31 0.15 -34.87
C GLU A 80 -1.20 1.20 -34.21
N VAL A 81 -1.59 1.00 -32.94
CA VAL A 81 -2.37 2.00 -32.20
C VAL A 81 -1.44 3.12 -31.76
N ASP A 82 -1.76 4.36 -32.17
CA ASP A 82 -1.05 5.56 -31.74
C ASP A 82 -1.97 6.37 -30.82
N ARG A 83 -1.58 6.44 -29.53
CA ARG A 83 -2.26 7.21 -28.50
C ARG A 83 -2.77 8.57 -28.99
N THR A 84 -1.87 9.35 -29.60
CA THR A 84 -2.16 10.68 -30.13
C THR A 84 -3.37 10.71 -31.07
N GLN A 85 -3.70 9.60 -31.72
CA GLN A 85 -4.80 9.58 -32.66
C GLN A 85 -6.12 9.36 -31.94
N THR A 87 -10.89 11.31 -29.12
CA THR A 87 -10.23 10.09 -28.64
C THR A 87 -9.83 10.24 -27.18
N ALA A 88 -10.27 11.33 -26.56
CA ALA A 88 -10.04 11.55 -25.14
C ALA A 88 -10.69 10.46 -24.29
N GLU A 89 -11.87 10.00 -24.70
CA GLU A 89 -12.53 8.95 -23.93
C GLU A 89 -11.85 7.61 -24.14
N GLU A 90 -11.34 7.37 -25.36
CA GLU A 90 -10.48 6.22 -25.61
C GLU A 90 -9.25 6.24 -24.70
N ASN A 91 -8.53 7.37 -24.68
CA ASN A 91 -7.33 7.49 -23.87
C ASN A 91 -7.63 7.27 -22.39
N ALA A 92 -8.79 7.73 -21.92
CA ALA A 92 -9.20 7.44 -20.55
C ALA A 92 -9.35 5.95 -20.32
N ALA A 93 -9.95 5.24 -21.29
CA ALA A 93 -10.19 3.82 -21.12
C ALA A 93 -8.89 3.03 -21.24
N LEU A 94 -7.93 3.55 -22.02
CA LEU A 94 -6.62 2.91 -22.11
C LEU A 94 -5.82 3.16 -20.83
N ASP A 95 -5.89 4.39 -20.30
CA ASP A 95 -5.28 4.70 -19.01
C ASP A 95 -5.80 3.78 -17.92
N LYS A 96 -7.07 3.41 -17.99
CA LYS A 96 -7.66 2.55 -16.99
C LYS A 96 -7.18 1.11 -17.14
N ARG A 97 -6.99 0.67 -18.37
CA ARG A 97 -6.51 -0.69 -18.60
C ARG A 97 -5.02 -0.80 -18.24
N VAL A 98 -4.24 0.22 -18.57
CA VAL A 98 -2.84 0.26 -18.21
C VAL A 98 -2.68 0.20 -16.69
N ASP A 99 -3.48 0.99 -15.97
CA ASP A 99 -3.38 1.02 -14.51
C ASP A 99 -3.76 -0.31 -13.92
N SER A 100 -4.79 -0.96 -14.48
CA SER A 100 -5.15 -2.28 -13.98
C SER A 100 -4.05 -3.30 -14.27
N PHE A 101 -3.41 -3.21 -15.43
CA PHE A 101 -2.32 -4.15 -15.73
C PHE A 101 -1.14 -3.96 -14.78
N LEU A 102 -0.82 -2.70 -14.46
CA LEU A 102 0.31 -2.41 -13.60
C LEU A 102 0.10 -2.97 -12.20
N HIS A 103 -1.12 -2.81 -11.66
CA HIS A 103 -1.45 -3.43 -10.38
C HIS A 103 -1.30 -4.92 -10.44
N LEU A 104 -1.74 -5.53 -11.55
CA LEU A 104 -1.67 -6.98 -11.65
C LEU A 104 -0.22 -7.45 -11.78
N VAL A 105 0.60 -6.74 -12.55
CA VAL A 105 1.96 -7.22 -12.80
C VAL A 105 2.92 -6.94 -11.65
N GLY A 106 2.52 -6.10 -10.70
CA GLY A 106 3.46 -5.66 -9.67
C GLY A 106 4.03 -6.78 -8.82
N SER A 107 3.27 -7.87 -8.64
CA SER A 107 3.80 -8.96 -7.84
C SER A 107 4.94 -9.71 -8.51
N ARG A 108 5.21 -9.47 -9.80
CA ARG A 108 6.15 -10.31 -10.53
C ARG A 108 7.30 -9.51 -11.15
N LEU A 109 7.55 -8.30 -10.65
CA LEU A 109 8.55 -7.43 -11.28
C LEU A 109 9.97 -7.96 -11.18
N ARG A 110 10.23 -9.03 -10.41
CA ARG A 110 11.55 -9.62 -10.40
C ARG A 110 11.77 -10.60 -11.54
N LEU A 111 10.73 -10.99 -12.26
CA LEU A 111 10.84 -11.87 -13.40
C LEU A 111 11.03 -11.07 -14.69
N MET A 112 11.92 -11.56 -15.56
CA MET A 112 12.11 -10.92 -16.87
C MET A 112 10.86 -10.92 -17.75
N PRO A 113 10.00 -11.95 -17.76
CA PRO A 113 8.73 -11.81 -18.50
C PRO A 113 7.94 -10.58 -18.09
N ALA A 114 7.90 -10.26 -16.79
CA ALA A 114 7.15 -9.08 -16.35
C ALA A 114 7.76 -7.80 -16.91
N ILE A 115 9.10 -7.70 -16.91
CA ILE A 115 9.77 -6.52 -17.42
C ILE A 115 9.50 -6.34 -18.92
N LYS A 116 9.47 -7.44 -19.67
CA LYS A 116 9.18 -7.35 -21.10
C LYS A 116 7.74 -6.90 -21.36
N ALA A 117 6.79 -7.41 -20.56
CA ALA A 117 5.41 -6.97 -20.72
C ALA A 117 5.28 -5.47 -20.43
N VAL A 118 5.99 -4.98 -19.42
CA VAL A 118 5.93 -3.55 -19.11
C VAL A 118 6.57 -2.74 -20.23
N GLU A 119 7.70 -3.24 -20.76
CA GLU A 119 8.39 -2.61 -21.88
C GLU A 119 7.45 -2.33 -23.06
N TRP A 120 6.62 -3.31 -23.44
CA TRP A 120 5.62 -3.07 -24.48
C TRP A 120 4.77 -1.83 -24.18
N LEU A 121 4.20 -1.75 -22.97
CA LEU A 121 3.39 -0.58 -22.64
C LEU A 121 4.21 0.69 -22.68
N ILE A 122 5.48 0.62 -22.29
CA ILE A 122 6.32 1.80 -22.35
C ILE A 122 6.59 2.21 -23.81
N ARG A 123 7.02 1.24 -24.66
CA ARG A 123 7.34 1.59 -26.04
C ARG A 123 6.09 1.97 -26.82
N ARG A 124 5.01 1.20 -26.68
CA ARG A 124 3.86 1.43 -27.54
C ARG A 124 2.96 2.55 -27.01
N PHE A 125 2.70 2.57 -25.70
CA PHE A 125 1.71 3.45 -25.13
C PHE A 125 2.33 4.54 -24.28
N ARG A 126 3.66 4.56 -24.18
CA ARG A 126 4.38 5.65 -23.52
C ARG A 126 3.88 5.88 -22.09
N ILE A 127 3.57 4.78 -21.39
CA ILE A 127 2.99 4.88 -20.05
C ILE A 127 3.94 5.50 -19.03
N HIS A 128 5.23 5.64 -19.36
CA HIS A 128 6.13 6.39 -18.50
C HIS A 128 5.85 7.90 -18.53
N GLU A 129 5.14 8.38 -19.53
CA GLU A 129 4.77 9.78 -19.61
C GLU A 129 3.33 10.04 -19.26
N PHE A 130 2.41 9.13 -19.62
CA PHE A 130 0.98 9.32 -19.41
C PHE A 130 0.44 8.59 -18.18
N ASN A 131 1.19 7.62 -17.64
CA ASN A 131 0.78 6.88 -16.45
C ASN A 131 1.89 6.86 -15.43
N THR A 132 2.72 7.89 -15.38
CA THR A 132 3.96 7.78 -14.64
C THR A 132 3.75 7.65 -13.13
N GLY A 133 2.59 8.09 -12.62
CA GLY A 133 2.31 7.96 -11.20
C GLY A 133 2.00 6.53 -10.79
N THR A 134 1.10 5.86 -11.53
CA THR A 134 0.86 4.44 -11.28
C THR A 134 2.11 3.61 -11.51
N LEU A 135 2.93 4.00 -12.48
CA LEU A 135 4.08 3.21 -12.81
C LEU A 135 5.15 3.32 -11.71
N LEU A 136 5.36 4.53 -11.17
CA LEU A 136 6.28 4.69 -10.05
C LEU A 136 5.82 3.91 -8.83
N ALA A 137 4.52 3.93 -8.53
CA ALA A 137 4.03 3.25 -7.34
C ALA A 137 4.19 1.73 -7.48
N THR A 138 3.98 1.21 -8.69
CA THR A 138 4.12 -0.22 -8.93
C THR A 138 5.55 -0.68 -8.71
N PHE A 139 6.52 0.13 -9.16
CA PHE A 139 7.93 -0.23 -9.02
C PHE A 139 8.52 0.11 -7.66
N LEU A 140 7.91 1.06 -6.93
CA LEU A 140 8.46 1.56 -5.67
C LEU A 140 8.84 0.48 -4.65
N PRO A 141 8.05 -0.56 -4.40
CA PRO A 141 8.51 -1.59 -3.45
C PRO A 141 9.70 -2.40 -3.96
N TYR A 142 10.04 -2.27 -5.24
CA TYR A 142 11.18 -2.96 -5.82
C TYR A 142 12.36 -2.02 -6.02
N HIS A 143 12.55 -1.09 -5.08
CA HIS A 143 13.54 -0.04 -5.22
C HIS A 143 14.98 -0.53 -5.13
N THR A 144 15.24 -1.78 -4.73
CA THR A 144 16.59 -2.33 -4.75
C THR A 144 16.91 -3.19 -5.98
N ILE A 145 15.98 -3.39 -6.91
CA ILE A 145 16.32 -4.18 -8.10
C ILE A 145 16.77 -3.26 -9.23
N PRO A 146 17.67 -3.72 -10.11
CA PRO A 146 18.17 -2.86 -11.21
C PRO A 146 17.10 -2.24 -12.10
N ALA A 147 15.98 -2.93 -12.32
CA ALA A 147 14.92 -2.38 -13.16
C ALA A 147 14.41 -1.07 -12.58
N PHE A 148 14.45 -0.92 -11.26
CA PHE A 148 14.03 0.34 -10.67
C PHE A 148 14.90 1.49 -11.17
N VAL A 149 16.23 1.29 -11.21
CA VAL A 149 17.10 2.39 -11.63
C VAL A 149 16.96 2.61 -13.13
N THR A 150 16.86 1.52 -13.90
CA THR A 150 16.55 1.67 -15.32
C THR A 150 15.27 2.48 -15.54
N LEU A 151 14.23 2.22 -14.74
CA LEU A 151 13.01 3.01 -14.87
C LEU A 151 13.28 4.48 -14.57
N LEU A 152 14.06 4.75 -13.54
CA LEU A 152 14.40 6.14 -13.20
C LEU A 152 15.01 6.85 -14.39
N SER A 153 15.94 6.18 -15.08
CA SER A 153 16.70 6.77 -16.16
C SER A 153 15.87 7.12 -17.41
N ILE A 154 14.60 6.72 -17.47
CA ILE A 154 13.75 7.06 -18.60
C ILE A 154 12.51 7.86 -18.18
N LEU A 155 12.34 8.16 -16.91
CA LEU A 155 11.24 9.03 -16.50
C LEU A 155 11.51 10.46 -16.95
N PRO A 156 10.54 11.12 -17.60
CA PRO A 156 10.63 12.57 -17.82
C PRO A 156 10.41 13.34 -16.52
N VAL A 157 11.45 14.06 -16.06
CA VAL A 157 11.46 14.59 -14.70
C VAL A 157 10.31 15.57 -14.46
N GLN A 158 9.87 16.29 -15.49
CA GLN A 158 8.81 17.27 -15.25
C GLN A 158 7.40 16.66 -15.30
N ARG A 159 7.24 15.45 -15.82
CA ARG A 159 5.97 14.73 -15.65
C ARG A 159 5.92 13.86 -14.39
N ILE A 160 6.95 13.87 -13.55
CA ILE A 160 6.93 13.11 -12.29
C ILE A 160 6.01 13.82 -11.29
N PRO A 161 5.05 13.14 -10.68
CA PRO A 161 4.16 13.81 -9.71
C PRO A 161 4.94 14.38 -8.54
N ILE A 162 4.30 15.34 -7.86
CA ILE A 162 4.99 16.11 -6.82
C ILE A 162 5.41 15.23 -5.65
N GLU A 163 4.57 14.27 -5.25
CA GLU A 163 4.94 13.43 -4.11
C GLU A 163 6.05 12.44 -4.41
N TYR A 164 6.53 12.33 -5.64
CA TYR A 164 7.61 11.41 -5.97
C TYR A 164 8.91 12.14 -6.29
N ARG A 165 8.92 13.46 -6.24
CA ARG A 165 10.09 14.19 -6.72
C ARG A 165 11.25 14.18 -5.73
N PHE A 166 11.09 13.58 -4.55
CA PHE A 166 12.25 13.20 -3.76
C PHE A 166 13.17 12.25 -4.53
N LEU A 167 12.66 11.63 -5.59
CA LEU A 167 13.48 10.78 -6.44
C LEU A 167 14.33 11.55 -7.43
N ASP A 168 14.23 12.88 -7.48
CA ASP A 168 15.03 13.64 -8.43
C ASP A 168 16.53 13.43 -8.23
N PRO A 169 17.09 13.51 -7.02
CA PRO A 169 18.52 13.20 -6.86
C PRO A 169 18.89 11.82 -7.36
N TYR A 170 18.01 10.84 -7.20
CA TYR A 170 18.35 9.48 -7.59
C TYR A 170 18.19 9.26 -9.09
N ILE A 171 17.36 10.04 -9.75
CA ILE A 171 17.38 10.07 -11.20
C ILE A 171 18.68 10.68 -11.70
N LYS A 172 19.15 11.74 -11.04
CA LYS A 172 20.36 12.39 -11.49
C LYS A 172 21.57 11.49 -11.26
N SER A 173 21.59 10.74 -10.16
CA SER A 173 22.74 9.91 -9.84
C SER A 173 22.63 8.48 -10.34
N LEU A 174 21.45 8.05 -10.82
CA LEU A 174 21.23 6.67 -11.29
C LEU A 174 21.60 5.64 -10.24
N THR A 175 21.25 5.93 -8.99
CA THR A 175 21.41 4.99 -7.89
C THR A 175 20.07 4.80 -7.18
N PRO A 176 19.84 3.63 -6.57
CA PRO A 176 18.55 3.38 -5.89
C PRO A 176 18.43 4.17 -4.61
N PRO A 177 17.25 4.70 -4.30
CA PRO A 177 17.00 5.24 -2.97
C PRO A 177 16.96 4.11 -1.95
N PRO A 178 17.59 4.29 -0.79
CA PRO A 178 17.47 3.29 0.28
C PRO A 178 16.13 3.39 1.01
N ARG A 179 15.72 2.25 1.57
CA ARG A 179 14.45 2.21 2.30
C ARG A 179 14.33 3.35 3.30
N ALA A 180 15.44 3.73 3.95
CA ALA A 180 15.43 4.79 4.95
C ALA A 180 15.10 6.15 4.35
N ALA A 181 15.52 6.41 3.10
CA ALA A 181 15.12 7.64 2.44
C ALA A 181 13.63 7.65 2.10
N ILE A 182 13.04 6.47 1.84
CA ILE A 182 11.62 6.42 1.53
C ILE A 182 10.81 6.57 2.82
N VAL A 183 11.28 5.94 3.90
CA VAL A 183 10.61 6.09 5.20
C VAL A 183 10.58 7.56 5.62
N GLN A 184 11.74 8.22 5.57
CA GLN A 184 11.79 9.60 6.06
C GLN A 184 10.95 10.53 5.20
N GLN A 185 10.94 10.33 3.88
CA GLN A 185 10.10 11.17 3.03
C GLN A 185 8.63 10.87 3.29
N ALA A 186 8.29 9.60 3.50
CA ALA A 186 6.90 9.26 3.77
C ALA A 186 6.47 9.88 5.09
N THR A 187 7.38 9.90 6.07
CA THR A 187 7.09 10.49 7.39
C THR A 187 6.87 11.99 7.29
N ASN A 188 7.68 12.70 6.50
CA ASN A 188 7.58 14.15 6.45
C ASN A 188 6.67 14.67 5.34
N ARG A 189 6.18 13.79 4.45
CA ARG A 189 5.31 14.20 3.34
C ARG A 189 4.02 13.40 3.35
N PRO A 190 2.94 13.95 3.89
CA PRO A 190 1.62 13.29 3.76
C PRO A 190 1.25 12.88 2.34
N ASP A 191 1.55 13.72 1.35
CA ASP A 191 1.51 13.39 -0.08
C ASP A 191 1.96 11.97 -0.38
N LEU A 192 3.16 11.61 0.07
CA LEU A 192 3.77 10.35 -0.35
C LEU A 192 3.20 9.18 0.43
N LEU A 193 3.04 9.32 1.74
CA LEU A 193 2.35 8.30 2.51
C LEU A 193 0.99 8.00 1.90
N SER A 194 0.29 9.05 1.48
CA SER A 194 -1.06 8.89 0.97
C SER A 194 -1.07 8.17 -0.38
N ALA A 195 -0.15 8.54 -1.28
CA ALA A 195 -0.02 7.83 -2.55
C ALA A 195 0.31 6.35 -2.34
N ILE A 196 1.17 6.05 -1.37
CA ILE A 196 1.51 4.66 -1.10
C ILE A 196 0.30 3.89 -0.58
N SER A 197 -0.49 4.53 0.31
CA SER A 197 -1.70 3.90 0.83
C SER A 197 -2.74 3.70 -0.26
N ARG A 198 -2.94 4.71 -1.11
CA ARG A 198 -4.00 4.62 -2.10
C ARG A 198 -3.72 3.50 -3.09
N TYR A 199 -2.46 3.38 -3.52
CA TYR A 199 -2.11 2.31 -4.44
C TYR A 199 -2.33 0.94 -3.81
N THR A 200 -1.97 0.81 -2.52
CA THR A 200 -2.06 -0.48 -1.84
C THR A 200 -3.51 -0.87 -1.64
N LEU A 201 -4.33 0.08 -1.18
CA LEU A 201 -5.75 -0.19 -1.00
C LEU A 201 -6.44 -0.50 -2.32
N ASP A 202 -6.06 0.20 -3.38
CA ASP A 202 -6.68 -0.10 -4.67
C ASP A 202 -6.31 -1.49 -5.17
N SER A 203 -5.05 -1.93 -4.95
CA SER A 203 -4.72 -3.31 -5.30
C SER A 203 -5.57 -4.27 -4.49
N CYS A 204 -5.74 -4.00 -3.19
CA CYS A 204 -6.54 -4.85 -2.32
C CYS A 204 -7.98 -4.95 -2.81
N ARG A 205 -8.62 -3.80 -3.08
CA ARG A 205 -9.99 -3.81 -3.59
C ARG A 205 -10.12 -4.60 -4.89
N ALA A 206 -9.11 -4.57 -5.75
CA ALA A 206 -9.16 -5.34 -6.99
C ALA A 206 -8.61 -6.75 -6.83
N LYS A 207 -8.36 -7.18 -5.61
CA LYS A 207 -7.78 -8.51 -5.35
C LYS A 207 -6.51 -8.74 -6.18
N GLN A 208 -5.70 -7.69 -6.34
CA GLN A 208 -4.40 -7.76 -7.02
C GLN A 208 -3.23 -7.52 -6.07
N GLU A 209 -3.47 -7.59 -4.75
CA GLU A 209 -2.40 -7.48 -3.79
C GLU A 209 -1.50 -8.72 -3.82
N TYR A 210 -0.37 -8.60 -3.14
CA TYR A 210 0.55 -9.71 -2.95
C TYR A 210 1.36 -9.42 -1.69
N PRO A 211 2.02 -10.45 -1.11
CA PRO A 211 2.70 -10.26 0.19
C PRO A 211 3.70 -9.10 0.24
N GLY A 212 4.57 -8.97 -0.77
CA GLY A 212 5.51 -7.86 -0.80
C GLY A 212 4.81 -6.51 -0.70
N LEU A 213 3.66 -6.35 -1.36
CA LEU A 213 2.96 -5.09 -1.28
C LEU A 213 2.46 -4.82 0.14
N ILE A 214 1.74 -5.77 0.73
CA ILE A 214 1.21 -5.60 2.08
C ILE A 214 2.32 -5.21 3.04
N SER A 215 3.46 -5.88 2.92
CA SER A 215 4.60 -5.69 3.83
C SER A 215 5.29 -4.35 3.59
N PHE A 216 5.43 -3.95 2.32
CA PHE A 216 5.96 -2.63 2.03
C PHE A 216 5.09 -1.54 2.65
N TRP A 217 3.77 -1.62 2.48
CA TRP A 217 2.86 -0.65 3.06
C TRP A 217 2.94 -0.66 4.59
N GLY A 218 2.74 -1.84 5.19
CA GLY A 218 2.70 -1.92 6.64
C GLY A 218 3.95 -1.38 7.30
N GLY A 219 5.12 -1.71 6.74
CA GLY A 219 6.36 -1.24 7.33
C GLY A 219 6.59 0.25 7.12
N ILE A 220 6.21 0.78 5.95
CA ILE A 220 6.34 2.22 5.72
C ILE A 220 5.41 2.98 6.68
N MET A 221 4.16 2.52 6.79
CA MET A 221 3.19 3.19 7.63
C MET A 221 3.54 3.05 9.11
N ALA A 222 4.08 1.89 9.52
CA ALA A 222 4.43 1.74 10.93
C ALA A 222 5.51 2.74 11.32
N GLU A 223 6.60 2.79 10.53
CA GLU A 223 7.68 3.70 10.86
C GLU A 223 7.31 5.16 10.62
N ALA A 224 6.51 5.45 9.60
CA ALA A 224 6.13 6.85 9.39
C ALA A 224 5.22 7.35 10.52
N VAL A 225 4.28 6.51 10.99
CA VAL A 225 3.43 6.91 12.10
C VAL A 225 4.27 7.09 13.35
N ASN A 226 5.21 6.18 13.58
CA ASN A 226 6.12 6.33 14.70
C ASN A 226 6.94 7.61 14.59
N GLY A 227 7.33 7.98 13.37
CA GLY A 227 8.09 9.20 13.21
C GLY A 227 7.24 10.44 13.37
N MET A 228 5.99 10.39 12.93
CA MET A 228 5.11 11.55 13.10
C MET A 228 4.76 11.76 14.58
N ILE A 229 4.56 10.68 15.32
CA ILE A 229 4.30 10.81 16.75
C ILE A 229 5.43 11.55 17.44
N ASP A 230 6.69 11.15 17.16
CA ASP A 230 7.84 11.80 17.80
C ASP A 230 7.98 13.28 17.42
N LYS A 231 7.69 13.63 16.17
CA LYS A 231 7.79 15.03 15.72
C LYS A 231 6.69 15.90 16.34
N MET A 232 5.57 15.30 16.72
CA MET A 232 4.42 16.04 17.18
C MET A 232 4.32 16.09 18.70
N ARG A 233 5.21 15.37 19.39
CA ARG A 233 5.16 15.31 20.84
C ARG A 233 5.32 16.71 21.43
N SER A 234 4.36 17.11 22.27
CA SER A 234 4.38 18.41 22.89
C SER A 234 4.20 18.25 24.40
N GLY A 235 4.82 19.17 25.14
CA GLY A 235 4.51 19.30 26.56
C GLY A 235 3.30 20.17 26.85
N ARG A 236 2.85 20.94 25.87
CA ARG A 236 1.71 21.84 26.01
C ARG A 236 0.42 21.16 25.53
N ARG A 237 -0.56 21.04 26.44
CA ARG A 237 -1.80 20.31 26.15
C ARG A 237 -2.45 20.75 24.84
N ALA A 238 -2.56 22.07 24.62
CA ALA A 238 -3.25 22.54 23.41
C ALA A 238 -2.53 22.08 22.15
N ILE A 239 -1.19 22.18 22.14
CA ILE A 239 -0.44 21.76 20.96
C ILE A 239 -0.59 20.26 20.74
N GLN A 240 -0.54 19.46 21.82
CA GLN A 240 -0.59 18.02 21.66
C GLN A 240 -1.94 17.56 21.12
N LEU A 241 -3.04 18.19 21.59
CA LEU A 241 -4.38 17.84 21.12
C LEU A 241 -4.58 18.19 19.66
N GLU A 242 -4.07 19.34 19.23
CA GLU A 242 -4.17 19.72 17.82
C GLU A 242 -3.36 18.79 16.94
N ASN A 243 -2.08 18.57 17.31
CA ASN A 243 -1.25 17.61 16.60
C ASN A 243 -1.96 16.28 16.45
N ASP A 244 -2.56 15.79 17.53
CA ASP A 244 -3.27 14.51 17.48
C ASP A 244 -4.41 14.54 16.48
N HIS A 245 -5.15 15.65 16.42
CA HIS A 245 -6.22 15.76 15.44
C HIS A 245 -5.64 15.83 14.02
N LEU A 246 -4.54 16.56 13.83
CA LEU A 246 -3.94 16.60 12.51
C LEU A 246 -3.55 15.20 12.06
N LEU A 247 -2.87 14.46 12.94
CA LEU A 247 -2.37 13.13 12.58
C LEU A 247 -3.54 12.21 12.22
N LEU A 248 -4.58 12.20 13.04
CA LEU A 248 -5.69 11.29 12.76
C LEU A 248 -6.42 11.66 11.47
N GLN A 249 -6.37 12.93 11.06
CA GLN A 249 -6.98 13.30 9.79
C GLN A 249 -6.19 12.77 8.59
N GLN A 250 -4.87 12.66 8.70
CA GLN A 250 -4.08 12.06 7.62
C GLN A 250 -4.33 10.57 7.52
N ILE A 251 -4.21 9.85 8.63
CA ILE A 251 -4.07 8.39 8.59
C ILE A 251 -5.31 7.64 9.07
N GLY A 252 -6.30 8.34 9.64
CA GLY A 252 -7.48 7.70 10.17
C GLY A 252 -8.29 6.95 9.11
N PRO A 253 -8.60 7.62 7.99
CA PRO A 253 -9.37 6.91 6.94
C PRO A 253 -8.65 5.71 6.32
N VAL A 254 -7.35 5.82 6.06
CA VAL A 254 -6.58 4.70 5.51
C VAL A 254 -6.63 3.51 6.46
N LEU A 255 -6.34 3.74 7.75
CA LEU A 255 -6.41 2.67 8.74
C LEU A 255 -7.81 2.09 8.85
N SER A 256 -8.84 2.93 8.68
CA SER A 256 -10.22 2.46 8.73
C SER A 256 -10.55 1.53 7.57
N GLU A 257 -10.12 1.89 6.36
CA GLU A 257 -10.38 1.04 5.20
C GLU A 257 -9.65 -0.28 5.32
N ALA A 258 -8.41 -0.27 5.81
CA ALA A 258 -7.65 -1.51 5.86
C ALA A 258 -8.17 -2.44 6.95
N MET A 259 -8.67 -1.89 8.05
CA MET A 259 -9.21 -2.72 9.12
C MET A 259 -10.47 -3.47 8.70
N VAL A 260 -11.17 -3.04 7.65
CA VAL A 260 -12.36 -3.76 7.22
C VAL A 260 -12.13 -4.52 5.91
N MET A 261 -10.89 -4.70 5.47
CA MET A 261 -10.61 -5.44 4.24
C MET A 261 -10.59 -6.95 4.55
N LYS A 262 -11.79 -7.53 4.66
CA LYS A 262 -11.93 -8.90 5.14
C LYS A 262 -11.35 -9.94 4.18
N ASP A 263 -11.22 -9.63 2.90
CA ASP A 263 -10.63 -10.60 1.97
C ASP A 263 -9.11 -10.60 1.99
N VAL A 264 -8.49 -9.68 2.73
CA VAL A 264 -7.03 -9.56 2.78
C VAL A 264 -6.61 -9.50 4.24
N PRO A 265 -6.61 -10.62 4.96
CA PRO A 265 -6.18 -10.59 6.36
C PRO A 265 -4.82 -9.94 6.57
N GLY A 266 -3.90 -10.08 5.60
CA GLY A 266 -2.56 -9.52 5.77
C GLY A 266 -2.54 -8.00 5.91
N ILE A 267 -3.44 -7.29 5.20
CA ILE A 267 -3.50 -5.85 5.33
C ILE A 267 -4.17 -5.47 6.65
N GLN A 268 -5.17 -6.25 7.08
CA GLN A 268 -5.79 -6.03 8.39
C GLN A 268 -4.76 -6.16 9.51
N ILE A 269 -4.04 -7.30 9.54
CA ILE A 269 -3.02 -7.51 10.56
C ILE A 269 -1.96 -6.41 10.51
N ALA A 270 -1.59 -5.96 9.31
CA ALA A 270 -0.65 -4.83 9.23
C ALA A 270 -1.25 -3.57 9.86
N SER A 271 -2.53 -3.29 9.61
CA SER A 271 -3.12 -2.09 10.19
C SER A 271 -3.20 -2.20 11.72
N TYR A 272 -3.48 -3.40 12.26
CA TYR A 272 -3.44 -3.57 13.72
C TYR A 272 -2.08 -3.22 14.28
N MET A 273 -1.00 -3.47 13.53
CA MET A 273 0.32 -3.08 14.03
C MET A 273 0.44 -1.56 14.11
N VAL A 274 -0.05 -0.84 13.11
CA VAL A 274 -0.01 0.63 13.17
C VAL A 274 -0.84 1.13 14.36
N VAL A 275 -2.10 0.67 14.47
CA VAL A 275 -2.97 1.09 15.56
C VAL A 275 -2.36 0.80 16.94
N ALA A 276 -1.63 -0.32 17.09
CA ALA A 276 -0.95 -0.60 18.35
C ALA A 276 0.11 0.44 18.67
N ILE A 277 0.84 0.93 17.66
CA ILE A 277 1.81 1.99 17.89
C ILE A 277 1.10 3.27 18.35
N LEU A 278 -0.06 3.58 17.74
CA LEU A 278 -0.82 4.77 18.16
C LEU A 278 -1.29 4.64 19.60
N ALA A 279 -1.72 3.45 20.00
CA ALA A 279 -2.18 3.25 21.38
C ALA A 279 -1.02 3.31 22.37
N ALA A 280 0.08 2.60 22.07
CA ALA A 280 1.17 2.43 23.02
C ALA A 280 2.11 3.62 23.08
N LYS A 281 2.06 4.52 22.10
CA LYS A 281 3.05 5.57 21.97
C LYS A 281 2.45 6.92 21.65
N GLY A 282 1.17 6.97 21.28
CA GLY A 282 0.64 8.12 20.56
C GLY A 282 -0.07 9.18 21.37
N SER A 283 -0.44 8.87 22.62
CA SER A 283 -1.06 9.85 23.53
C SER A 283 -2.41 10.35 22.99
N LEU A 284 -3.37 9.42 22.87
CA LEU A 284 -4.62 9.68 22.16
C LEU A 284 -5.83 9.62 23.10
N ASN A 285 -6.78 10.52 22.87
CA ASN A 285 -7.96 10.60 23.73
C ASN A 285 -8.83 9.35 23.57
N ASP A 286 -9.68 9.14 24.57
CA ASP A 286 -10.42 7.89 24.65
C ASP A 286 -11.54 7.78 23.61
N ASN A 287 -11.97 8.89 23.00
CA ASN A 287 -12.92 8.77 21.91
C ASN A 287 -12.29 8.16 20.67
N ILE A 288 -11.00 8.43 20.46
CA ILE A 288 -10.26 7.90 19.32
C ILE A 288 -10.01 6.40 19.51
N LEU A 289 -9.39 6.03 20.62
CA LEU A 289 -9.12 4.62 20.91
C LEU A 289 -10.41 3.81 20.84
N THR A 290 -11.51 4.37 21.34
CA THR A 290 -12.80 3.68 21.24
C THR A 290 -13.23 3.54 19.79
N ALA A 291 -13.07 4.61 18.98
CA ALA A 291 -13.37 4.51 17.56
C ALA A 291 -12.61 3.38 16.89
N PHE A 292 -11.30 3.27 17.17
CA PHE A 292 -10.49 2.20 16.62
C PHE A 292 -10.96 0.83 17.08
N MET A 293 -11.23 0.69 18.38
CA MET A 293 -11.77 -0.55 18.91
C MET A 293 -12.97 -1.00 18.11
N GLU A 294 -13.91 -0.09 17.82
CA GLU A 294 -15.13 -0.51 17.15
C GLU A 294 -14.89 -0.78 15.67
N GLN A 295 -13.99 -0.04 15.04
CA GLN A 295 -13.70 -0.34 13.65
C GLN A 295 -13.04 -1.71 13.54
N LEU A 296 -12.16 -2.03 14.49
CA LEU A 296 -11.51 -3.34 14.53
C LEU A 296 -12.54 -4.48 14.61
N VAL A 297 -13.41 -4.46 15.61
CA VAL A 297 -14.33 -5.58 15.76
C VAL A 297 -15.38 -5.61 14.66
N HIS A 298 -15.63 -4.47 14.01
CA HIS A 298 -16.50 -4.46 12.84
C HIS A 298 -15.90 -5.26 11.68
N GLY A 299 -14.59 -5.13 11.45
CA GLY A 299 -13.97 -5.78 10.32
C GLY A 299 -13.36 -7.14 10.57
N TRP A 300 -13.21 -7.58 11.83
CA TRP A 300 -12.38 -8.74 12.08
C TRP A 300 -13.12 -10.02 11.70
N THR A 301 -12.33 -11.07 11.44
CA THR A 301 -12.82 -12.36 10.95
C THR A 301 -12.08 -13.46 11.68
N VAL A 302 -12.44 -14.71 11.35
CA VAL A 302 -11.75 -15.86 11.94
C VAL A 302 -10.25 -15.85 11.63
N ASP A 303 -9.83 -15.15 10.58
CA ASP A 303 -8.43 -15.08 10.19
C ASP A 303 -7.63 -14.02 10.95
N THR A 304 -8.28 -13.06 11.58
CA THR A 304 -7.57 -11.97 12.24
C THR A 304 -7.96 -11.85 13.69
N LEU A 305 -8.64 -12.87 14.24
CA LEU A 305 -9.19 -12.78 15.59
C LEU A 305 -8.11 -12.62 16.64
N ARG A 306 -7.11 -13.51 16.64
CA ARG A 306 -6.04 -13.40 17.63
C ARG A 306 -5.27 -12.10 17.51
N PRO A 307 -4.74 -11.71 16.33
CA PRO A 307 -3.99 -10.44 16.28
C PRO A 307 -4.86 -9.26 16.63
N GLY A 308 -6.13 -9.28 16.23
CA GLY A 308 -7.05 -8.21 16.59
C GLY A 308 -7.30 -8.13 18.09
N LEU A 309 -7.43 -9.28 18.75
CA LEU A 309 -7.61 -9.28 20.20
C LEU A 309 -6.39 -8.71 20.90
N VAL A 310 -5.17 -9.06 20.45
CA VAL A 310 -3.98 -8.40 20.99
C VAL A 310 -4.08 -6.89 20.81
N CYS A 311 -4.63 -6.44 19.67
CA CYS A 311 -4.76 -5.01 19.41
C CYS A 311 -5.83 -4.39 20.31
N LEU A 312 -7.02 -5.01 20.38
CA LEU A 312 -8.06 -4.55 21.32
C LEU A 312 -7.52 -4.40 22.73
N THR A 313 -6.64 -5.32 23.14
CA THR A 313 -6.04 -5.24 24.47
C THR A 313 -5.20 -3.98 24.65
N MET A 314 -4.32 -3.67 23.68
CA MET A 314 -3.48 -2.48 23.85
C MET A 314 -4.27 -1.19 23.70
N LEU A 315 -5.45 -1.23 23.05
CA LEU A 315 -6.31 -0.06 22.98
C LEU A 315 -7.04 0.18 24.29
N ALA A 316 -7.37 -0.88 25.03
CA ALA A 316 -8.04 -0.74 26.32
C ALA A 316 -7.04 -0.35 27.42
N GLN A 317 -5.85 -0.95 27.42
CA GLN A 317 -4.84 -0.57 28.40
C GLN A 317 -4.52 0.91 28.36
N HIS A 318 -4.56 1.53 27.19
CA HIS A 318 -4.18 2.92 27.04
C HIS A 318 -5.36 3.87 27.03
N ARG A 319 -6.56 3.37 27.32
CA ARG A 319 -7.76 4.19 27.51
C ARG A 319 -7.94 4.56 28.97
N ALA A 321 -10.53 6.11 30.65
CA ALA A 321 -11.82 5.44 30.76
C ALA A 321 -11.68 3.93 31.01
N LYS A 322 -12.61 3.41 31.82
CA LYS A 322 -12.50 2.05 32.32
C LYS A 322 -13.53 1.07 31.75
N GLN A 323 -14.68 1.55 31.30
CA GLN A 323 -15.70 0.66 30.75
C GLN A 323 -15.88 0.96 29.26
N LEU A 324 -16.00 -0.10 28.47
CA LEU A 324 -16.03 -0.02 27.01
C LEU A 324 -17.45 -0.19 26.49
N SER A 325 -17.59 0.08 25.19
CA SER A 325 -18.89 0.16 24.54
C SER A 325 -19.55 -1.23 24.49
N GLY A 326 -20.74 -1.26 23.91
CA GLY A 326 -21.49 -2.49 23.82
C GLY A 326 -21.16 -3.17 22.50
N ARG A 327 -21.04 -2.37 21.44
CA ARG A 327 -20.40 -2.79 20.19
C ARG A 327 -19.25 -3.74 20.49
N VAL A 328 -18.25 -3.22 21.20
CA VAL A 328 -17.02 -3.97 21.44
C VAL A 328 -17.33 -5.20 22.27
N ALA A 329 -18.10 -5.03 23.36
CA ALA A 329 -18.32 -6.12 24.31
C ALA A 329 -19.13 -7.25 23.70
N LYS A 330 -20.17 -6.91 22.92
CA LYS A 330 -20.95 -7.95 22.26
C LYS A 330 -20.10 -8.76 21.29
N ALA A 331 -19.13 -8.13 20.63
CA ALA A 331 -18.24 -8.86 19.71
C ALA A 331 -17.15 -9.65 20.44
N VAL A 332 -16.56 -9.09 21.50
CA VAL A 332 -15.42 -9.73 22.15
C VAL A 332 -15.79 -11.06 22.81
N ILE A 333 -17.01 -11.21 23.33
CA ILE A 333 -17.35 -12.46 24.01
C ILE A 333 -17.77 -13.56 23.05
N LYS A 334 -17.88 -13.26 21.74
CA LYS A 334 -18.07 -14.29 20.72
C LYS A 334 -16.75 -14.92 20.27
N VAL A 335 -15.66 -14.65 20.97
CA VAL A 335 -14.32 -15.15 20.60
C VAL A 335 -14.12 -16.49 21.29
N PRO A 336 -13.91 -17.58 20.56
CA PRO A 336 -13.72 -18.90 21.19
C PRO A 336 -12.63 -18.88 22.26
N ASP A 337 -12.90 -19.60 23.35
CA ASP A 337 -12.30 -19.47 24.67
C ASP A 337 -11.54 -18.16 24.85
N LEU A 338 -12.31 -17.09 25.05
CA LEU A 338 -11.77 -15.75 25.22
C LEU A 338 -10.85 -15.67 26.44
N VAL A 339 -11.27 -16.22 27.58
CA VAL A 339 -10.45 -16.12 28.79
C VAL A 339 -9.13 -16.86 28.62
N SER A 340 -9.17 -18.02 27.96
CA SER A 340 -7.96 -18.73 27.61
C SER A 340 -7.05 -17.84 26.75
N SER A 341 -7.62 -17.13 25.77
CA SER A 341 -6.77 -16.35 24.86
C SER A 341 -6.18 -15.14 25.56
N LEU A 342 -6.89 -14.57 26.55
CA LEU A 342 -6.38 -13.42 27.30
C LEU A 342 -5.23 -13.83 28.21
N ARG A 343 -5.35 -14.96 28.90
CA ARG A 343 -4.23 -15.42 29.72
C ARG A 343 -2.98 -15.61 28.87
N ASP A 344 -3.14 -16.12 27.63
CA ASP A 344 -2.02 -16.19 26.70
C ASP A 344 -1.43 -14.81 26.44
N ILE A 345 -2.26 -13.87 25.96
CA ILE A 345 -1.82 -12.51 25.63
C ILE A 345 -1.13 -11.86 26.82
N SER A 346 -1.62 -12.14 28.04
CA SER A 346 -0.97 -11.63 29.25
C SER A 346 0.50 -12.03 29.36
N LYS A 347 0.97 -12.99 28.57
CA LYS A 347 2.39 -13.32 28.58
C LYS A 347 3.24 -12.11 28.19
N GLU A 348 2.77 -11.33 27.20
CA GLU A 348 3.52 -10.19 26.69
C GLU A 348 2.79 -8.86 26.81
N HIS A 349 1.58 -8.84 27.37
CA HIS A 349 0.78 -7.61 27.30
C HIS A 349 -0.21 -7.56 28.46
N GLN A 350 -0.03 -6.57 29.32
CA GLN A 350 -1.09 -5.74 29.89
C GLN A 350 -2.50 -6.10 29.42
N VAL A 351 -3.31 -6.80 30.22
CA VAL A 351 -4.60 -7.30 29.74
C VAL A 351 -5.75 -6.87 30.66
N ASP A 352 -5.42 -6.30 31.82
CA ASP A 352 -6.42 -5.99 32.86
C ASP A 352 -7.55 -5.11 32.32
N LYS A 353 -7.20 -4.02 31.63
CA LYS A 353 -8.20 -2.99 31.33
C LYS A 353 -9.29 -3.50 30.39
N LEU A 354 -8.97 -4.42 29.47
CA LEU A 354 -9.98 -4.93 28.55
C LEU A 354 -10.93 -5.91 29.24
N ALA A 355 -10.38 -6.81 30.08
CA ALA A 355 -11.26 -7.68 30.86
C ALA A 355 -12.11 -6.88 31.83
N ASN A 356 -11.48 -5.89 32.47
CA ASN A 356 -12.22 -4.99 33.35
C ASN A 356 -13.36 -4.32 32.62
N GLY A 357 -13.07 -3.68 31.48
CA GLY A 357 -14.12 -3.05 30.69
C GLY A 357 -15.13 -4.05 30.15
N LEU A 358 -14.71 -5.30 29.94
CA LEU A 358 -15.65 -6.36 29.60
C LEU A 358 -16.56 -6.67 30.78
N VAL A 359 -15.95 -6.90 31.95
CA VAL A 359 -16.71 -7.06 33.20
C VAL A 359 -17.68 -5.90 33.37
N LEU A 360 -17.15 -4.68 33.49
CA LEU A 360 -17.93 -3.53 33.93
C LEU A 360 -19.04 -3.13 32.94
N ALA A 361 -19.11 -3.77 31.77
CA ALA A 361 -20.03 -3.35 30.72
C ALA A 361 -21.23 -4.26 30.56
N PHE A 362 -21.28 -5.37 31.29
CA PHE A 362 -22.48 -6.20 31.34
C PHE A 362 -23.39 -5.66 32.44
N VAL A 363 -24.46 -5.00 32.03
CA VAL A 363 -25.34 -4.24 32.93
C VAL A 363 -26.78 -4.40 32.49
#